data_6UUQ
#
_entry.id   6UUQ
#
_cell.length_a   57.841
_cell.length_b   71.159
_cell.length_c   92.049
_cell.angle_alpha   90.000
_cell.angle_beta   90.000
_cell.angle_gamma   90.000
#
_symmetry.space_group_name_H-M   'P 21 21 21'
#
loop_
_entity.id
_entity.type
_entity.pdbx_description
1 polymer 'Serine/threonine-protein phosphatase 2B catalytic subunit alpha isoform'
2 polymer Calcipressin-1
3 non-polymer 'PHOSPHATE ION'
4 non-polymer 'ZINC ION'
5 non-polymer 'FE (III) ION'
6 water water
#
loop_
_entity_poly.entity_id
_entity_poly.type
_entity_poly.pdbx_seq_one_letter_code
_entity_poly.pdbx_strand_id
1 'polypeptide(L)'
;MGSHRLTAKEVFDNDGKPRVDILKAHLMKEGRLEESVALRIITEGASILRQEKNLLDIDAPVTVCGDIHGQFFDLMKLFE
VGGSPANTRYLFLGDYVDRGYFSIECVLYLWALKILYPKTLFLLRGNHECRHLTEYFTFKQECKIKYSERVYDACMDAFD
CLPLAALMNQQFLCVHGGLSPEINTLDDIRKLDRFKEPPAYGPMCDILWSDPLEDFGNEKTQEHFTHNTVRGCSYFYSYP
AVCEFLQHNNLLSILRAHEAQDAGYRMYRKSQTTGFPSLITIFSAPNYLDVYNNKAAVLKYENNVMNIRQFNCSPH
;
A
2 'polypeptide(L)' GHMNYDLLYAISKLGPGEKYELHAATDTTPSVVITVCESD B
#
loop_
_chem_comp.id
_chem_comp.type
_chem_comp.name
_chem_comp.formula
FE non-polymer 'FE (III) ION' 'Fe 3'
PO4 non-polymer 'PHOSPHATE ION' 'O4 P -3'
ZN non-polymer 'ZINC ION' 'Zn 2'
#
# COMPACT_ATOMS: atom_id res chain seq x y z
N SER A 3 -2.82 -21.01 23.79
CA SER A 3 -4.02 -21.02 22.97
C SER A 3 -3.91 -21.98 21.79
N HIS A 4 -5.03 -22.22 21.14
CA HIS A 4 -5.11 -23.19 20.05
C HIS A 4 -4.49 -22.62 18.77
N ARG A 5 -3.63 -23.40 18.13
CA ARG A 5 -3.07 -23.06 16.83
C ARG A 5 -3.95 -23.65 15.74
N LEU A 6 -4.53 -22.79 14.91
CA LEU A 6 -5.45 -23.25 13.86
C LEU A 6 -4.76 -24.22 12.92
N THR A 7 -5.48 -25.30 12.58
CA THR A 7 -5.02 -26.33 11.66
C THR A 7 -5.41 -25.98 10.23
N ALA A 8 -4.81 -26.70 9.27
CA ALA A 8 -5.13 -26.50 7.86
C ALA A 8 -6.61 -26.73 7.59
N LYS A 9 -7.18 -27.78 8.18
CA LYS A 9 -8.60 -28.05 7.99
C LYS A 9 -9.48 -26.95 8.59
N GLU A 10 -8.99 -26.29 9.64
CA GLU A 10 -9.76 -25.20 10.23
C GLU A 10 -9.64 -23.92 9.40
N VAL A 11 -8.51 -23.71 8.73
CA VAL A 11 -8.27 -22.46 8.01
C VAL A 11 -8.77 -22.53 6.57
N PHE A 12 -8.65 -23.68 5.92
CA PHE A 12 -8.98 -23.83 4.51
C PHE A 12 -10.14 -24.81 4.36
N ASP A 13 -11.08 -24.49 3.47
CA ASP A 13 -12.16 -25.42 3.19
C ASP A 13 -11.68 -26.49 2.21
N ASN A 14 -12.59 -27.37 1.81
CA ASN A 14 -12.19 -28.50 0.97
C ASN A 14 -11.79 -28.06 -0.43
N ASP A 15 -12.24 -26.88 -0.88
CA ASP A 15 -11.86 -26.33 -2.17
C ASP A 15 -10.60 -25.49 -2.09
N GLY A 16 -9.99 -25.39 -0.91
CA GLY A 16 -8.81 -24.56 -0.73
C GLY A 16 -9.09 -23.10 -0.45
N LYS A 17 -10.35 -22.72 -0.28
CA LYS A 17 -10.66 -21.33 0.03
C LYS A 17 -10.36 -21.04 1.49
N PRO A 18 -9.62 -19.98 1.79
CA PRO A 18 -9.41 -19.60 3.20
C PRO A 18 -10.73 -19.18 3.83
N ARG A 19 -10.95 -19.60 5.07
CA ARG A 19 -12.10 -19.18 5.87
C ARG A 19 -11.73 -17.89 6.59
N VAL A 20 -11.95 -16.76 5.90
CA VAL A 20 -11.41 -15.50 6.40
C VAL A 20 -12.17 -14.97 7.62
N ASP A 21 -13.44 -15.35 7.80
CA ASP A 21 -14.13 -14.94 9.01
C ASP A 21 -13.56 -15.64 10.24
N ILE A 22 -13.27 -16.94 10.12
CA ILE A 22 -12.58 -17.67 11.19
C ILE A 22 -11.22 -17.06 11.46
N LEU A 23 -10.45 -16.79 10.40
CA LEU A 23 -9.14 -16.17 10.53
C LEU A 23 -9.23 -14.82 11.24
N LYS A 24 -10.19 -13.99 10.83
CA LYS A 24 -10.32 -12.66 11.39
C LYS A 24 -10.55 -12.71 12.90
N ALA A 25 -11.49 -13.56 13.34
CA ALA A 25 -11.80 -13.67 14.77
C ALA A 25 -10.61 -14.17 15.58
N HIS A 26 -9.85 -15.10 15.01
CA HIS A 26 -8.72 -15.68 15.73
C HIS A 26 -7.51 -14.74 15.73
N LEU A 27 -7.22 -14.12 14.59
CA LEU A 27 -6.02 -13.29 14.49
C LEU A 27 -6.09 -12.04 15.36
N MET A 28 -7.28 -11.46 15.53
CA MET A 28 -7.37 -10.24 16.32
CA MET A 28 -7.34 -10.24 16.31
C MET A 28 -7.04 -10.49 17.79
N LYS A 29 -7.18 -11.73 18.26
CA LYS A 29 -6.79 -12.11 19.60
C LYS A 29 -5.32 -12.45 19.67
N GLU A 30 -4.56 -12.10 18.63
CA GLU A 30 -3.20 -12.57 18.44
C GLU A 30 -3.16 -14.10 18.40
N GLY A 31 -4.29 -14.72 18.09
CA GLY A 31 -4.29 -16.17 17.91
C GLY A 31 -3.38 -16.56 16.77
N ARG A 32 -2.68 -17.68 16.96
CA ARG A 32 -1.69 -18.15 16.00
C ARG A 32 -2.24 -19.31 15.18
N LEU A 33 -1.68 -19.45 13.99
CA LEU A 33 -1.89 -20.64 13.17
C LEU A 33 -0.76 -21.61 13.40
N GLU A 34 -0.98 -22.87 13.03
CA GLU A 34 0.15 -23.78 12.90
C GLU A 34 1.15 -23.19 11.92
N GLU A 35 2.43 -23.40 12.19
CA GLU A 35 3.47 -22.79 11.36
C GLU A 35 3.36 -23.23 9.90
N SER A 36 3.01 -24.50 9.66
CA SER A 36 2.82 -24.96 8.28
C SER A 36 1.66 -24.26 7.61
N VAL A 37 0.62 -23.91 8.38
CA VAL A 37 -0.54 -23.25 7.79
C VAL A 37 -0.21 -21.79 7.45
N ALA A 38 0.51 -21.10 8.34
CA ALA A 38 0.99 -19.76 8.02
C ALA A 38 1.87 -19.77 6.77
N LEU A 39 2.78 -20.74 6.68
CA LEU A 39 3.62 -20.86 5.49
C LEU A 39 2.78 -21.09 4.23
N ARG A 40 1.72 -21.88 4.35
CA ARG A 40 0.81 -22.09 3.22
C ARG A 40 0.16 -20.78 2.77
N ILE A 41 -0.34 -19.99 3.72
CA ILE A 41 -0.97 -18.72 3.35
C ILE A 41 0.03 -17.81 2.67
N ILE A 42 1.20 -17.65 3.29
CA ILE A 42 2.21 -16.73 2.75
C ILE A 42 2.64 -17.14 1.35
N THR A 43 2.92 -18.44 1.15
CA THR A 43 3.48 -18.86 -0.13
C THR A 43 2.42 -18.93 -1.22
N GLU A 44 1.18 -19.33 -0.89
CA GLU A 44 0.13 -19.30 -1.90
C GLU A 44 -0.13 -17.87 -2.37
N GLY A 45 -0.24 -16.94 -1.42
CA GLY A 45 -0.38 -15.53 -1.80
C GLY A 45 0.81 -15.06 -2.62
N ALA A 46 2.03 -15.39 -2.20
CA ALA A 46 3.22 -15.00 -2.95
C ALA A 46 3.17 -15.50 -4.38
N SER A 47 2.73 -16.75 -4.57
CA SER A 47 2.70 -17.30 -5.92
CA SER A 47 2.70 -17.29 -5.93
C SER A 47 1.70 -16.56 -6.81
N ILE A 48 0.60 -16.07 -6.23
CA ILE A 48 -0.34 -15.25 -6.99
C ILE A 48 0.28 -13.91 -7.35
N LEU A 49 0.88 -13.23 -6.36
CA LEU A 49 1.54 -11.96 -6.60
C LEU A 49 2.63 -12.07 -7.66
N ARG A 50 3.37 -13.18 -7.65
CA ARG A 50 4.49 -13.33 -8.58
C ARG A 50 4.02 -13.34 -10.03
N GLN A 51 2.80 -13.82 -10.29
CA GLN A 51 2.30 -13.83 -11.65
C GLN A 51 1.80 -12.47 -12.11
N GLU A 52 1.70 -11.50 -11.21
CA GLU A 52 1.20 -10.19 -11.60
C GLU A 52 2.29 -9.29 -12.19
N LYS A 53 1.86 -8.31 -12.97
CA LYS A 53 2.77 -7.34 -13.60
C LYS A 53 3.34 -6.38 -12.57
N ASN A 54 4.49 -5.77 -12.89
CA ASN A 54 5.03 -4.68 -12.07
C ASN A 54 4.00 -3.59 -11.89
N LEU A 55 3.28 -3.27 -12.97
CA LEU A 55 2.32 -2.18 -13.04
C LEU A 55 0.96 -2.82 -13.29
N LEU A 56 0.12 -2.83 -12.27
CA LEU A 56 -1.18 -3.47 -12.38
C LEU A 56 -2.13 -2.63 -13.24
N ASP A 57 -3.03 -3.31 -13.94
CA ASP A 57 -4.14 -2.66 -14.65
C ASP A 57 -5.39 -2.87 -13.83
N ILE A 58 -5.89 -1.83 -13.18
CA ILE A 58 -7.03 -1.96 -12.29
C ILE A 58 -8.14 -1.04 -12.78
N ASP A 59 -9.28 -1.63 -13.14
CA ASP A 59 -10.45 -0.87 -13.54
C ASP A 59 -11.19 -0.31 -12.33
N ALA A 60 -11.83 0.85 -12.53
CA ALA A 60 -12.81 1.30 -11.56
C ALA A 60 -14.04 0.39 -11.65
N PRO A 61 -14.81 0.27 -10.56
CA PRO A 61 -14.67 0.92 -9.26
C PRO A 61 -13.60 0.24 -8.41
N VAL A 62 -12.95 1.00 -7.52
CA VAL A 62 -11.95 0.42 -6.64
C VAL A 62 -11.84 1.30 -5.41
N THR A 63 -11.57 0.67 -4.26
CA THR A 63 -11.26 1.38 -3.04
C THR A 63 -9.76 1.36 -2.81
N VAL A 64 -9.14 2.53 -2.72
CA VAL A 64 -7.68 2.66 -2.62
C VAL A 64 -7.32 2.98 -1.17
N CYS A 65 -6.36 2.23 -0.62
CA CYS A 65 -6.02 2.31 0.80
C CYS A 65 -4.52 2.55 0.95
N GLY A 66 -4.17 3.43 1.89
CA GLY A 66 -2.79 3.69 2.25
C GLY A 66 -2.31 2.82 3.41
N ASP A 67 -1.38 3.36 4.19
CA ASP A 67 -0.62 2.57 5.15
C ASP A 67 -1.51 1.88 6.18
N ILE A 68 -1.13 0.66 6.57
CA ILE A 68 -1.79 -0.10 7.63
C ILE A 68 -0.89 -0.26 8.85
N HIS A 69 0.38 -0.60 8.63
CA HIS A 69 1.40 -0.70 9.69
C HIS A 69 0.93 -1.58 10.86
N GLY A 70 0.46 -2.78 10.54
CA GLY A 70 0.21 -3.76 11.58
C GLY A 70 -0.94 -3.44 12.51
N GLN A 71 -1.81 -2.49 12.15
CA GLN A 71 -2.89 -2.09 13.04
C GLN A 71 -4.16 -2.85 12.66
N PHE A 72 -4.23 -4.09 13.16
CA PHE A 72 -5.24 -5.04 12.69
C PHE A 72 -6.65 -4.57 12.99
N PHE A 73 -6.87 -3.93 14.15
CA PHE A 73 -8.22 -3.48 14.47
C PHE A 73 -8.67 -2.38 13.53
N ASP A 74 -7.75 -1.53 13.09
CA ASP A 74 -8.14 -0.51 12.12
C ASP A 74 -8.32 -1.08 10.73
N LEU A 75 -7.55 -2.11 10.38
CA LEU A 75 -7.79 -2.82 9.13
C LEU A 75 -9.19 -3.43 9.10
N MET A 76 -9.62 -4.01 10.23
CA MET A 76 -10.99 -4.53 10.29
CA MET A 76 -10.99 -4.52 10.30
C MET A 76 -12.01 -3.43 10.07
N LYS A 77 -11.79 -2.25 10.66
CA LYS A 77 -12.70 -1.13 10.48
C LYS A 77 -12.70 -0.63 9.04
N LEU A 78 -11.51 -0.58 8.42
CA LEU A 78 -11.39 -0.13 7.04
C LEU A 78 -12.29 -0.94 6.11
N PHE A 79 -12.29 -2.26 6.27
CA PHE A 79 -13.16 -3.09 5.44
C PHE A 79 -14.63 -2.83 5.71
N GLU A 80 -15.01 -2.55 6.96
CA GLU A 80 -16.38 -2.14 7.24
C GLU A 80 -16.73 -0.87 6.49
N VAL A 81 -15.83 0.12 6.53
CA VAL A 81 -16.07 1.39 5.86
C VAL A 81 -16.02 1.24 4.34
N GLY A 82 -15.07 0.46 3.84
CA GLY A 82 -14.85 0.42 2.41
C GLY A 82 -15.71 -0.57 1.66
N GLY A 83 -16.28 -1.54 2.36
CA GLY A 83 -17.10 -2.56 1.75
C GLY A 83 -16.41 -3.92 1.80
N SER A 84 -17.23 -4.97 1.83
CA SER A 84 -16.68 -6.31 1.94
C SER A 84 -15.87 -6.68 0.70
N PRO A 85 -14.71 -7.30 0.86
CA PRO A 85 -13.94 -7.75 -0.31
C PRO A 85 -14.68 -8.78 -1.15
N ALA A 86 -15.73 -9.39 -0.60
CA ALA A 86 -16.56 -10.32 -1.37
C ALA A 86 -17.23 -9.63 -2.55
N ASN A 87 -17.44 -8.31 -2.48
CA ASN A 87 -18.09 -7.60 -3.58
C ASN A 87 -17.47 -6.23 -3.83
N THR A 88 -16.27 -5.97 -3.32
CA THR A 88 -15.61 -4.67 -3.46
C THR A 88 -14.19 -4.88 -3.96
N ARG A 89 -13.80 -4.13 -4.98
CA ARG A 89 -12.42 -4.17 -5.46
C ARG A 89 -11.55 -3.26 -4.60
N TYR A 90 -10.35 -3.75 -4.26
CA TYR A 90 -9.48 -3.07 -3.32
C TYR A 90 -8.08 -2.96 -3.91
N LEU A 91 -7.43 -1.83 -3.64
CA LEU A 91 -6.03 -1.62 -3.96
C LEU A 91 -5.34 -1.06 -2.71
N PHE A 92 -4.37 -1.80 -2.17
CA PHE A 92 -3.57 -1.32 -1.04
C PHE A 92 -2.23 -0.83 -1.54
N LEU A 93 -1.74 0.26 -0.96
CA LEU A 93 -0.53 0.91 -1.45
C LEU A 93 0.71 0.58 -0.63
N GLY A 94 0.67 -0.41 0.25
CA GLY A 94 1.86 -0.91 0.93
C GLY A 94 1.94 -0.50 2.39
N ASP A 95 3.11 -0.77 3.00
CA ASP A 95 3.38 -0.54 4.44
C ASP A 95 2.34 -1.26 5.30
N TYR A 96 2.34 -2.59 5.17
CA TYR A 96 1.48 -3.47 5.95
C TYR A 96 2.06 -3.77 7.32
N VAL A 97 3.37 -3.64 7.49
CA VAL A 97 4.06 -4.13 8.68
C VAL A 97 4.81 -2.98 9.33
N ASP A 98 5.29 -3.25 10.56
CA ASP A 98 6.10 -2.37 11.41
C ASP A 98 5.26 -1.30 12.09
N ARG A 99 5.78 -0.74 13.18
CA ARG A 99 5.18 0.33 13.96
C ARG A 99 4.02 -0.16 14.80
N GLY A 100 2.99 -0.76 14.19
CA GLY A 100 1.88 -1.29 14.94
C GLY A 100 2.24 -2.60 15.64
N TYR A 101 1.22 -3.19 16.28
CA TYR A 101 1.43 -4.34 17.15
CA TYR A 101 1.45 -4.34 17.15
C TYR A 101 1.07 -5.68 16.51
N PHE A 102 0.35 -5.68 15.40
CA PHE A 102 -0.20 -6.88 14.81
C PHE A 102 0.23 -7.04 13.36
N SER A 103 1.54 -6.93 13.08
CA SER A 103 2.02 -6.98 11.71
C SER A 103 1.81 -8.35 11.07
N ILE A 104 2.18 -9.44 11.77
CA ILE A 104 2.04 -10.73 11.10
C ILE A 104 0.58 -11.07 10.92
N GLU A 105 -0.29 -10.62 11.83
CA GLU A 105 -1.72 -10.83 11.67
C GLU A 105 -2.25 -10.10 10.44
N CYS A 106 -1.80 -8.85 10.21
CA CYS A 106 -2.24 -8.14 9.01
C CYS A 106 -1.77 -8.84 7.75
N VAL A 107 -0.52 -9.30 7.73
CA VAL A 107 0.00 -10.02 6.56
C VAL A 107 -0.82 -11.27 6.30
N LEU A 108 -1.03 -12.10 7.32
CA LEU A 108 -1.74 -13.37 7.09
C LEU A 108 -3.16 -13.12 6.62
N TYR A 109 -3.82 -12.10 7.16
CA TYR A 109 -5.19 -11.83 6.75
C TYR A 109 -5.26 -11.27 5.34
N LEU A 110 -4.37 -10.35 4.99
CA LEU A 110 -4.43 -9.78 3.64
C LEU A 110 -4.01 -10.82 2.60
N TRP A 111 -3.01 -11.66 2.93
CA TRP A 111 -2.63 -12.72 2.00
C TRP A 111 -3.76 -13.71 1.82
N ALA A 112 -4.48 -14.05 2.90
CA ALA A 112 -5.65 -14.91 2.79
C ALA A 112 -6.70 -14.30 1.89
N LEU A 113 -6.98 -12.99 2.04
CA LEU A 113 -7.93 -12.33 1.16
C LEU A 113 -7.45 -12.34 -0.29
N LYS A 114 -6.13 -12.21 -0.51
CA LYS A 114 -5.63 -12.26 -1.88
C LYS A 114 -5.83 -13.65 -2.50
N ILE A 115 -5.63 -14.70 -1.69
CA ILE A 115 -5.90 -16.06 -2.16
C ILE A 115 -7.36 -16.22 -2.52
N LEU A 116 -8.25 -15.68 -1.69
CA LEU A 116 -9.68 -15.84 -1.89
C LEU A 116 -10.21 -14.99 -3.02
N TYR A 117 -9.67 -13.77 -3.19
CA TYR A 117 -10.14 -12.82 -4.21
C TYR A 117 -8.97 -12.35 -5.09
N PRO A 118 -8.35 -13.27 -5.83
CA PRO A 118 -7.09 -12.91 -6.53
C PRO A 118 -7.27 -11.87 -7.60
N LYS A 119 -8.48 -11.71 -8.13
CA LYS A 119 -8.72 -10.80 -9.24
C LYS A 119 -9.40 -9.51 -8.82
N THR A 120 -9.72 -9.31 -7.53
CA THR A 120 -10.39 -8.10 -7.10
C THR A 120 -9.74 -7.41 -5.91
N LEU A 121 -8.77 -8.04 -5.24
CA LEU A 121 -8.04 -7.41 -4.16
C LEU A 121 -6.58 -7.36 -4.56
N PHE A 122 -5.99 -6.17 -4.55
CA PHE A 122 -4.63 -5.97 -5.04
C PHE A 122 -3.76 -5.31 -3.96
N LEU A 123 -2.51 -5.74 -3.90
CA LEU A 123 -1.54 -5.30 -2.90
C LEU A 123 -0.30 -4.79 -3.62
N LEU A 124 0.12 -3.56 -3.29
CA LEU A 124 1.39 -3.04 -3.76
C LEU A 124 2.45 -3.13 -2.66
N ARG A 125 3.71 -2.95 -3.07
CA ARG A 125 4.82 -2.92 -2.12
C ARG A 125 4.99 -1.51 -1.55
N GLY A 126 5.17 -1.41 -0.22
CA GLY A 126 5.60 -0.18 0.40
C GLY A 126 7.07 -0.29 0.80
N ASN A 127 7.65 0.82 1.27
CA ASN A 127 9.06 0.76 1.63
C ASN A 127 9.32 -0.15 2.84
N HIS A 128 8.32 -0.40 3.69
CA HIS A 128 8.56 -1.31 4.81
C HIS A 128 8.56 -2.78 4.42
N GLU A 129 8.07 -3.13 3.23
CA GLU A 129 8.00 -4.53 2.82
C GLU A 129 9.36 -4.98 2.28
N CYS A 130 10.36 -5.00 3.17
CA CYS A 130 11.71 -5.37 2.76
C CYS A 130 12.49 -5.89 3.97
N ARG A 131 13.66 -6.45 3.67
CA ARG A 131 14.50 -7.04 4.71
C ARG A 131 15.10 -5.96 5.61
N HIS A 132 15.61 -4.88 5.01
CA HIS A 132 16.32 -3.89 5.80
CA HIS A 132 16.33 -3.88 5.78
C HIS A 132 15.43 -3.26 6.86
N LEU A 133 14.20 -2.88 6.48
CA LEU A 133 13.35 -2.16 7.43
C LEU A 133 12.72 -3.11 8.45
N THR A 134 12.34 -4.31 8.04
CA THR A 134 11.74 -5.23 9.00
C THR A 134 12.77 -5.76 9.99
N GLU A 135 14.05 -5.74 9.60
CA GLU A 135 15.12 -6.03 10.54
C GLU A 135 15.34 -4.86 11.51
N TYR A 136 15.22 -3.64 11.01
CA TYR A 136 15.47 -2.46 11.85
C TYR A 136 14.31 -2.22 12.81
N PHE A 137 13.07 -2.32 12.33
CA PHE A 137 11.91 -2.25 13.22
C PHE A 137 11.64 -3.63 13.80
N THR A 138 10.38 -3.97 14.08
CA THR A 138 10.10 -5.14 14.90
C THR A 138 9.63 -6.37 14.13
N PHE A 139 9.32 -6.25 12.84
CA PHE A 139 8.64 -7.37 12.17
C PHE A 139 9.49 -8.64 12.19
N LYS A 140 10.79 -8.53 11.93
CA LYS A 140 11.64 -9.71 11.89
C LYS A 140 11.62 -10.44 13.23
N GLN A 141 11.68 -9.69 14.33
CA GLN A 141 11.66 -10.30 15.65
C GLN A 141 10.31 -10.94 15.94
N GLU A 142 9.22 -10.27 15.58
CA GLU A 142 7.89 -10.82 15.82
C GLU A 142 7.69 -12.13 15.06
N CYS A 143 8.14 -12.20 13.80
CA CYS A 143 8.03 -13.45 13.05
C CYS A 143 8.75 -14.60 13.74
N LYS A 144 10.00 -14.36 14.14
CA LYS A 144 10.78 -15.40 14.81
C LYS A 144 10.12 -15.84 16.10
N ILE A 145 9.55 -14.89 16.85
CA ILE A 145 8.89 -15.21 18.11
C ILE A 145 7.65 -16.08 17.87
N LYS A 146 6.67 -15.53 17.15
CA LYS A 146 5.36 -16.18 17.00
C LYS A 146 5.40 -17.36 16.04
N TYR A 147 6.35 -17.39 15.12
CA TYR A 147 6.43 -18.45 14.15
C TYR A 147 7.87 -18.95 14.06
N SER A 148 8.63 -18.47 13.08
CA SER A 148 9.98 -18.95 12.92
C SER A 148 10.69 -18.06 11.91
N GLU A 149 12.01 -18.23 11.83
CA GLU A 149 12.78 -17.55 10.80
C GLU A 149 12.38 -18.00 9.41
N ARG A 150 11.95 -19.26 9.26
CA ARG A 150 11.45 -19.73 7.97
C ARG A 150 10.22 -18.93 7.56
N VAL A 151 9.36 -18.60 8.52
CA VAL A 151 8.19 -17.78 8.21
C VAL A 151 8.60 -16.36 7.85
N TYR A 152 9.58 -15.81 8.57
CA TYR A 152 10.11 -14.49 8.20
C TYR A 152 10.67 -14.51 6.78
N ASP A 153 11.51 -15.51 6.48
CA ASP A 153 12.09 -15.62 5.15
C ASP A 153 11.02 -15.75 4.07
N ALA A 154 9.94 -16.48 4.37
CA ALA A 154 8.86 -16.63 3.41
C ALA A 154 8.17 -15.29 3.15
N CYS A 155 7.98 -14.50 4.21
CA CYS A 155 7.41 -13.16 4.06
C CYS A 155 8.31 -12.28 3.22
N MET A 156 9.63 -12.37 3.45
CA MET A 156 10.57 -11.56 2.65
C MET A 156 10.50 -11.95 1.19
N ASP A 157 10.47 -13.26 0.90
CA ASP A 157 10.30 -13.68 -0.49
C ASP A 157 8.95 -13.25 -1.05
N ALA A 158 7.89 -13.32 -0.22
CA ALA A 158 6.58 -12.88 -0.69
C ALA A 158 6.57 -11.39 -0.98
N PHE A 159 7.20 -10.59 -0.11
CA PHE A 159 7.26 -9.15 -0.35
C PHE A 159 7.97 -8.82 -1.66
N ASP A 160 9.02 -9.58 -2.00
CA ASP A 160 9.71 -9.40 -3.28
C ASP A 160 8.74 -9.54 -4.45
N CYS A 161 7.67 -10.33 -4.28
CA CYS A 161 6.70 -10.54 -5.33
C CYS A 161 5.67 -9.42 -5.46
N LEU A 162 5.59 -8.52 -4.47
CA LEU A 162 4.56 -7.48 -4.51
C LEU A 162 4.74 -6.58 -5.74
N PRO A 163 3.68 -6.34 -6.52
CA PRO A 163 3.77 -5.34 -7.59
C PRO A 163 4.16 -3.97 -7.03
N LEU A 164 4.71 -3.14 -7.92
CA LEU A 164 5.23 -1.84 -7.52
C LEU A 164 4.25 -0.70 -7.74
N ALA A 165 3.26 -0.87 -8.61
CA ALA A 165 2.44 0.26 -8.98
C ALA A 165 1.16 -0.24 -9.62
N ALA A 166 0.19 0.66 -9.75
CA ALA A 166 -1.06 0.34 -10.42
C ALA A 166 -1.44 1.49 -11.33
N LEU A 167 -1.89 1.15 -12.53
CA LEU A 167 -2.53 2.11 -13.41
C LEU A 167 -4.04 1.92 -13.24
N MET A 168 -4.71 2.92 -12.68
CA MET A 168 -6.09 2.77 -12.25
C MET A 168 -7.01 3.55 -13.19
N ASN A 169 -7.95 2.82 -13.80
CA ASN A 169 -8.90 3.37 -14.74
C ASN A 169 -8.24 4.12 -15.89
N GLN A 170 -7.00 3.75 -16.21
CA GLN A 170 -6.20 4.42 -17.24
C GLN A 170 -6.04 5.91 -16.97
N GLN A 171 -6.26 6.34 -15.73
CA GLN A 171 -6.19 7.75 -15.35
C GLN A 171 -5.21 8.04 -14.23
N PHE A 172 -4.98 7.11 -13.31
CA PHE A 172 -4.22 7.39 -12.10
C PHE A 172 -3.05 6.42 -12.00
N LEU A 173 -1.88 6.96 -11.69
CA LEU A 173 -0.75 6.12 -11.30
C LEU A 173 -0.77 6.05 -9.77
N CYS A 174 -0.80 4.84 -9.24
CA CYS A 174 -0.85 4.61 -7.80
C CYS A 174 0.43 3.92 -7.37
N VAL A 175 1.10 4.49 -6.37
CA VAL A 175 2.36 3.96 -5.84
C VAL A 175 2.40 4.26 -4.34
N HIS A 176 3.28 3.60 -3.62
CA HIS A 176 3.42 3.94 -2.20
C HIS A 176 4.03 5.33 -2.03
N GLY A 177 5.17 5.57 -2.66
CA GLY A 177 5.93 6.79 -2.41
C GLY A 177 5.74 7.84 -3.49
N GLY A 178 6.23 7.57 -4.70
CA GLY A 178 6.06 8.56 -5.74
C GLY A 178 6.90 8.33 -6.97
N LEU A 179 7.42 9.42 -7.53
CA LEU A 179 8.11 9.40 -8.80
C LEU A 179 9.61 9.28 -8.61
N SER A 180 10.33 9.22 -9.74
CA SER A 180 11.77 9.00 -9.80
C SER A 180 12.32 9.82 -10.96
N PRO A 181 13.53 10.38 -10.84
CA PRO A 181 14.14 10.99 -12.02
C PRO A 181 14.37 9.99 -13.14
N GLU A 182 14.31 8.69 -12.86
CA GLU A 182 14.48 7.66 -13.87
C GLU A 182 13.17 6.98 -14.25
N ILE A 183 12.04 7.57 -13.91
CA ILE A 183 10.74 7.04 -14.32
C ILE A 183 10.01 8.17 -15.02
N ASN A 184 10.12 8.21 -16.34
CA ASN A 184 9.46 9.24 -17.12
C ASN A 184 8.28 8.72 -17.92
N THR A 185 8.15 7.40 -18.07
CA THR A 185 7.03 6.80 -18.76
C THR A 185 6.55 5.60 -17.96
N LEU A 186 5.33 5.15 -18.26
CA LEU A 186 4.85 3.94 -17.59
C LEU A 186 5.70 2.73 -17.96
N ASP A 187 6.23 2.68 -19.19
CA ASP A 187 7.12 1.57 -19.56
C ASP A 187 8.36 1.53 -18.67
N ASP A 188 8.80 2.67 -18.15
CA ASP A 188 9.94 2.66 -17.23
C ASP A 188 9.65 1.81 -16.00
N ILE A 189 8.40 1.78 -15.56
CA ILE A 189 8.04 0.91 -14.43
C ILE A 189 7.95 -0.54 -14.91
N ARG A 190 7.39 -0.75 -16.09
CA ARG A 190 7.19 -2.11 -16.59
C ARG A 190 8.50 -2.86 -16.76
N LYS A 191 9.60 -2.15 -17.07
CA LYS A 191 10.87 -2.81 -17.39
C LYS A 191 11.70 -3.17 -16.16
N LEU A 192 11.28 -2.75 -14.97
CA LEU A 192 12.04 -3.03 -13.77
C LEU A 192 12.02 -4.52 -13.43
N ASP A 193 13.10 -4.98 -12.79
CA ASP A 193 13.12 -6.26 -12.10
C ASP A 193 12.76 -5.99 -10.65
N ARG A 194 11.54 -6.37 -10.24
CA ARG A 194 11.09 -6.10 -8.88
C ARG A 194 11.39 -7.23 -7.91
N PHE A 195 11.83 -8.39 -8.39
CA PHE A 195 11.91 -9.57 -7.53
C PHE A 195 13.24 -9.57 -6.79
N LYS A 196 13.34 -8.63 -5.85
CA LYS A 196 14.57 -8.44 -5.09
C LYS A 196 14.29 -7.48 -3.93
N GLU A 197 15.22 -7.49 -2.98
CA GLU A 197 15.28 -6.43 -1.99
C GLU A 197 15.41 -5.07 -2.70
N PRO A 198 14.66 -4.04 -2.30
CA PRO A 198 14.78 -2.75 -2.98
C PRO A 198 16.19 -2.21 -2.84
N PRO A 199 16.82 -1.80 -3.93
CA PRO A 199 18.18 -1.26 -3.84
C PRO A 199 18.22 0.01 -3.01
N ALA A 200 19.44 0.40 -2.65
CA ALA A 200 19.63 1.62 -1.85
C ALA A 200 19.34 2.89 -2.66
N TYR A 201 19.37 2.81 -3.98
CA TYR A 201 19.07 3.94 -4.85
C TYR A 201 18.56 3.38 -6.18
N GLY A 202 17.95 4.26 -6.98
CA GLY A 202 17.44 3.87 -8.27
C GLY A 202 15.92 3.92 -8.36
N PRO A 203 15.38 3.59 -9.54
CA PRO A 203 13.92 3.79 -9.76
C PRO A 203 13.04 2.99 -8.83
N MET A 204 13.37 1.73 -8.57
CA MET A 204 12.56 0.93 -7.64
C MET A 204 12.58 1.54 -6.26
N CYS A 205 13.76 1.93 -5.78
CA CYS A 205 13.86 2.64 -4.51
C CYS A 205 12.94 3.87 -4.50
N ASP A 206 13.01 4.69 -5.56
CA ASP A 206 12.28 5.96 -5.54
C ASP A 206 10.77 5.74 -5.53
N ILE A 207 10.28 4.76 -6.28
CA ILE A 207 8.84 4.45 -6.26
C ILE A 207 8.36 4.24 -4.84
N LEU A 208 9.15 3.52 -4.04
CA LEU A 208 8.75 3.18 -2.68
C LEU A 208 9.04 4.27 -1.66
N TRP A 209 9.95 5.20 -1.96
CA TRP A 209 10.50 6.07 -0.92
C TRP A 209 10.25 7.58 -1.11
N SER A 210 9.99 8.06 -2.32
CA SER A 210 10.04 9.50 -2.55
C SER A 210 8.80 10.20 -1.98
N ASP A 211 8.93 11.51 -1.78
CA ASP A 211 7.92 12.37 -1.19
C ASP A 211 7.76 13.63 -2.04
N PRO A 212 6.59 14.26 -2.00
CA PRO A 212 6.52 15.64 -2.51
C PRO A 212 7.33 16.58 -1.63
N LEU A 213 7.86 17.63 -2.25
CA LEU A 213 8.52 18.69 -1.50
C LEU A 213 7.60 19.22 -0.40
N GLU A 214 8.21 19.64 0.71
CA GLU A 214 7.45 20.32 1.74
C GLU A 214 6.64 21.49 1.17
N ASP A 215 7.24 22.26 0.27
CA ASP A 215 6.56 23.41 -0.35
CA ASP A 215 6.56 23.40 -0.35
C ASP A 215 6.00 23.08 -1.73
N PHE A 216 5.65 21.80 -1.96
CA PHE A 216 5.04 21.34 -3.20
C PHE A 216 4.00 22.32 -3.71
N GLY A 217 4.17 22.78 -4.95
CA GLY A 217 3.25 23.72 -5.57
C GLY A 217 3.67 25.17 -5.49
N ASN A 218 4.71 25.48 -4.71
CA ASN A 218 5.24 26.83 -4.59
C ASN A 218 6.76 26.74 -4.49
N GLU A 219 7.36 26.12 -5.51
CA GLU A 219 8.78 25.88 -5.53
C GLU A 219 9.55 27.19 -5.70
N LYS A 220 10.63 27.34 -4.93
CA LYS A 220 11.51 28.49 -5.07
C LYS A 220 12.50 28.31 -6.22
N THR A 221 12.78 27.06 -6.61
CA THR A 221 13.70 26.76 -7.69
C THR A 221 12.97 25.92 -8.74
N GLN A 222 13.74 25.42 -9.72
CA GLN A 222 13.20 24.62 -10.80
C GLN A 222 13.71 23.19 -10.78
N GLU A 223 14.24 22.72 -9.65
CA GLU A 223 14.80 21.38 -9.56
C GLU A 223 13.69 20.36 -9.35
N HIS A 224 13.47 19.49 -10.35
CA HIS A 224 12.37 18.55 -10.29
C HIS A 224 12.54 17.54 -9.15
N PHE A 225 13.76 17.04 -8.97
CA PHE A 225 14.04 16.06 -7.93
C PHE A 225 15.22 16.54 -7.11
N THR A 226 15.04 16.58 -5.80
CA THR A 226 16.10 16.97 -4.89
C THR A 226 16.26 15.90 -3.83
N HIS A 227 17.49 15.70 -3.36
CA HIS A 227 17.77 14.62 -2.42
CA HIS A 227 17.69 14.57 -2.47
C HIS A 227 16.89 14.74 -1.18
N ASN A 228 16.28 13.63 -0.76
CA ASN A 228 15.28 13.65 0.31
C ASN A 228 15.98 13.56 1.66
N THR A 229 16.07 14.70 2.34
CA THR A 229 16.75 14.82 3.62
C THR A 229 15.92 14.33 4.80
N VAL A 230 14.63 14.09 4.62
CA VAL A 230 13.82 13.46 5.66
C VAL A 230 14.06 11.95 5.67
N ARG A 231 14.00 11.31 4.50
CA ARG A 231 14.19 9.86 4.42
C ARG A 231 15.66 9.46 4.49
N GLY A 232 16.58 10.35 4.14
CA GLY A 232 17.96 9.94 3.98
C GLY A 232 18.23 9.10 2.74
N CYS A 233 17.25 8.94 1.87
CA CYS A 233 17.44 8.30 0.58
C CYS A 233 16.39 8.84 -0.37
N SER A 234 16.55 8.54 -1.66
CA SER A 234 15.58 8.90 -2.72
C SER A 234 15.44 10.42 -2.76
N TYR A 235 14.25 10.90 -3.15
CA TYR A 235 14.08 12.30 -3.56
C TYR A 235 12.80 12.90 -3.03
N PHE A 236 12.80 14.24 -3.01
CA PHE A 236 11.58 15.04 -3.04
C PHE A 236 11.26 15.37 -4.49
N TYR A 237 10.00 15.23 -4.87
CA TYR A 237 9.58 15.64 -6.22
C TYR A 237 8.74 16.91 -6.15
N SER A 238 8.90 17.75 -7.17
CA SER A 238 8.23 19.05 -7.23
C SER A 238 6.92 18.96 -8.00
N TYR A 239 6.12 20.01 -7.89
CA TYR A 239 4.87 20.08 -8.64
C TYR A 239 5.10 20.10 -10.14
N PRO A 240 6.02 20.91 -10.70
CA PRO A 240 6.34 20.75 -12.13
C PRO A 240 6.79 19.34 -12.49
N ALA A 241 7.54 18.67 -11.62
CA ALA A 241 7.94 17.30 -11.92
C ALA A 241 6.72 16.40 -12.12
N VAL A 242 5.75 16.50 -11.20
CA VAL A 242 4.55 15.67 -11.28
C VAL A 242 3.73 16.03 -12.52
N CYS A 243 3.50 17.32 -12.73
CA CYS A 243 2.62 17.73 -13.84
C CYS A 243 3.21 17.32 -15.19
N GLU A 244 4.53 17.43 -15.32
CA GLU A 244 5.20 16.98 -16.54
C GLU A 244 5.01 15.48 -16.77
N PHE A 245 5.15 14.68 -15.71
CA PHE A 245 4.88 13.25 -15.81
C PHE A 245 3.43 13.00 -16.22
N LEU A 246 2.48 13.68 -15.57
CA LEU A 246 1.08 13.48 -15.88
C LEU A 246 0.77 13.82 -17.33
N GLN A 247 1.25 14.97 -17.80
CA GLN A 247 0.98 15.40 -19.17
C GLN A 247 1.62 14.44 -20.17
N HIS A 248 2.89 14.10 -19.98
CA HIS A 248 3.58 13.22 -20.91
CA HIS A 248 3.57 13.23 -20.93
C HIS A 248 2.89 11.86 -21.02
N ASN A 249 2.30 11.38 -19.92
CA ASN A 249 1.73 10.04 -19.88
C ASN A 249 0.21 10.05 -19.93
N ASN A 250 -0.41 11.20 -20.21
CA ASN A 250 -1.86 11.31 -20.35
CA ASN A 250 -1.86 11.31 -20.35
C ASN A 250 -2.58 10.77 -19.11
N LEU A 251 -2.11 11.19 -17.94
CA LEU A 251 -2.72 10.80 -16.68
C LEU A 251 -3.27 12.02 -15.95
N LEU A 252 -4.19 11.74 -15.04
CA LEU A 252 -4.89 12.77 -14.28
C LEU A 252 -4.22 13.09 -12.95
N SER A 253 -3.72 12.09 -12.22
CA SER A 253 -3.14 12.36 -10.91
C SER A 253 -2.31 11.17 -10.45
N ILE A 254 -1.50 11.42 -9.43
CA ILE A 254 -0.76 10.39 -8.72
C ILE A 254 -1.41 10.18 -7.36
N LEU A 255 -1.78 8.94 -7.07
CA LEU A 255 -2.34 8.53 -5.79
C LEU A 255 -1.26 7.77 -5.05
N ARG A 256 -0.90 8.24 -3.86
CA ARG A 256 0.18 7.60 -3.12
C ARG A 256 -0.14 7.67 -1.63
N ALA A 257 0.75 7.09 -0.82
CA ALA A 257 0.52 7.03 0.62
C ALA A 257 1.74 7.58 1.34
N HIS A 258 2.32 6.83 2.30
CA HIS A 258 3.71 7.01 2.72
C HIS A 258 3.92 8.18 3.70
N GLU A 259 3.07 9.21 3.68
CA GLU A 259 3.15 10.31 4.63
C GLU A 259 1.82 10.49 5.36
N ALA A 260 1.85 10.39 6.68
CA ALA A 260 0.64 10.56 7.48
C ALA A 260 0.11 11.99 7.37
N GLN A 261 -1.22 12.11 7.43
CA GLN A 261 -1.91 13.38 7.26
C GLN A 261 -2.92 13.57 8.38
N ASP A 262 -3.17 14.83 8.74
CA ASP A 262 -4.07 15.15 9.86
C ASP A 262 -5.43 14.48 9.68
N ALA A 263 -5.99 14.52 8.48
CA ALA A 263 -7.33 14.02 8.23
C ALA A 263 -7.35 12.65 7.57
N GLY A 264 -6.20 12.04 7.34
CA GLY A 264 -6.12 10.78 6.63
C GLY A 264 -5.95 10.92 5.12
N TYR A 265 -5.87 12.15 4.61
CA TYR A 265 -5.69 12.37 3.18
C TYR A 265 -5.17 13.78 2.99
N ARG A 266 -4.64 14.03 1.79
CA ARG A 266 -4.34 15.40 1.39
C ARG A 266 -4.42 15.48 -0.13
N MET A 267 -5.09 16.51 -0.62
CA MET A 267 -5.11 16.81 -2.05
C MET A 267 -4.22 18.02 -2.28
N TYR A 268 -3.23 17.85 -3.15
CA TYR A 268 -2.23 18.88 -3.40
C TYR A 268 -2.68 19.76 -4.56
N ARG A 269 -1.81 20.72 -4.91
CA ARG A 269 -2.14 21.73 -5.90
C ARG A 269 -2.66 21.13 -7.20
N LYS A 270 -3.74 21.70 -7.71
CA LYS A 270 -4.36 21.23 -8.95
C LYS A 270 -3.45 21.50 -10.16
N SER A 271 -3.57 20.60 -11.14
CA SER A 271 -2.89 20.77 -12.42
C SER A 271 -3.38 22.03 -13.12
N GLN A 272 -2.45 22.76 -13.74
CA GLN A 272 -2.83 23.91 -14.55
C GLN A 272 -3.50 23.52 -15.85
N THR A 273 -3.43 22.23 -16.23
CA THR A 273 -4.08 21.76 -17.44
C THR A 273 -5.49 21.27 -17.18
N THR A 274 -5.67 20.40 -16.18
CA THR A 274 -6.96 19.76 -15.95
C THR A 274 -7.78 20.38 -14.83
N GLY A 275 -7.14 21.15 -13.95
CA GLY A 275 -7.83 21.63 -12.76
C GLY A 275 -8.10 20.57 -11.72
N PHE A 276 -7.50 19.39 -11.84
CA PHE A 276 -7.63 18.29 -10.89
C PHE A 276 -6.38 18.19 -10.02
N PRO A 277 -6.52 17.85 -8.73
CA PRO A 277 -5.34 17.74 -7.86
C PRO A 277 -4.26 16.88 -8.50
N SER A 278 -3.04 17.42 -8.58
CA SER A 278 -1.96 16.72 -9.28
C SER A 278 -1.47 15.52 -8.49
N LEU A 279 -1.74 15.49 -7.20
CA LEU A 279 -1.22 14.50 -6.28
C LEU A 279 -2.23 14.36 -5.15
N ILE A 280 -2.46 13.13 -4.71
CA ILE A 280 -3.32 12.85 -3.56
C ILE A 280 -2.58 11.86 -2.67
N THR A 281 -2.45 12.20 -1.39
CA THR A 281 -1.94 11.26 -0.39
C THR A 281 -3.13 10.66 0.36
N ILE A 282 -3.15 9.33 0.50
CA ILE A 282 -4.17 8.64 1.29
C ILE A 282 -3.46 7.82 2.35
N PHE A 283 -4.01 7.81 3.58
CA PHE A 283 -3.35 7.16 4.70
C PHE A 283 -4.43 6.49 5.55
N SER A 284 -4.35 5.17 5.70
CA SER A 284 -5.55 4.40 6.01
C SER A 284 -5.51 3.72 7.38
N ALA A 285 -4.69 4.21 8.29
CA ALA A 285 -4.70 3.73 9.65
C ALA A 285 -4.13 4.83 10.55
N PRO A 286 -4.31 4.73 11.87
CA PRO A 286 -3.75 5.73 12.78
C PRO A 286 -2.24 5.89 12.65
N ASN A 287 -1.73 6.98 13.23
CA ASN A 287 -0.30 7.20 13.22
C ASN A 287 0.09 7.89 14.51
N TYR A 288 1.36 7.70 14.89
CA TYR A 288 2.00 8.34 16.04
C TYR A 288 3.19 9.11 15.49
N LEU A 289 3.02 10.40 15.19
CA LEU A 289 4.16 11.22 14.82
C LEU A 289 4.45 12.14 16.00
N ASP A 290 3.87 13.34 16.05
CA ASP A 290 3.98 14.16 17.25
C ASP A 290 3.05 13.64 18.34
N VAL A 291 1.74 13.75 18.10
CA VAL A 291 0.74 13.16 18.97
C VAL A 291 0.12 11.95 18.27
N TYR A 292 -0.70 11.21 19.00
CA TYR A 292 -1.44 10.10 18.40
C TYR A 292 -2.61 10.66 17.58
N ASN A 293 -2.83 10.08 16.40
CA ASN A 293 -3.93 10.49 15.55
C ASN A 293 -4.68 9.25 15.09
N ASN A 294 -5.90 9.08 15.60
CA ASN A 294 -6.69 7.89 15.27
C ASN A 294 -7.29 7.94 13.88
N LYS A 295 -7.43 9.13 13.30
CA LYS A 295 -8.19 9.28 12.06
C LYS A 295 -7.43 8.71 10.87
N ALA A 296 -8.20 8.29 9.87
CA ALA A 296 -7.66 7.68 8.66
C ALA A 296 -8.71 7.80 7.57
N ALA A 297 -8.31 7.53 6.34
CA ALA A 297 -9.22 7.63 5.22
C ALA A 297 -8.89 6.59 4.17
N VAL A 298 -9.90 6.29 3.33
CA VAL A 298 -9.73 5.51 2.12
C VAL A 298 -10.31 6.30 0.96
N LEU A 299 -9.94 5.90 -0.25
CA LEU A 299 -10.39 6.54 -1.49
CA LEU A 299 -10.40 6.55 -1.46
C LEU A 299 -11.24 5.55 -2.25
N LYS A 300 -12.47 5.93 -2.56
CA LYS A 300 -13.36 5.06 -3.35
C LYS A 300 -13.63 5.76 -4.67
N TYR A 301 -13.13 5.19 -5.75
CA TYR A 301 -13.32 5.75 -7.08
C TYR A 301 -14.43 4.96 -7.78
N GLU A 302 -15.54 5.62 -8.08
CA GLU A 302 -16.69 4.90 -8.61
C GLU A 302 -17.62 5.91 -9.26
N ASN A 303 -18.13 5.57 -10.43
CA ASN A 303 -19.11 6.40 -11.12
C ASN A 303 -18.56 7.80 -11.38
N ASN A 304 -17.29 7.87 -11.77
CA ASN A 304 -16.60 9.12 -12.07
C ASN A 304 -16.61 10.09 -10.88
N VAL A 305 -16.67 9.55 -9.66
CA VAL A 305 -16.58 10.34 -8.44
C VAL A 305 -15.46 9.77 -7.58
N MET A 306 -14.51 10.64 -7.23
CA MET A 306 -13.42 10.33 -6.31
C MET A 306 -13.92 10.64 -4.90
N ASN A 307 -14.33 9.61 -4.16
CA ASN A 307 -14.95 9.77 -2.85
C ASN A 307 -13.94 9.43 -1.75
N ILE A 308 -13.45 10.46 -1.07
CA ILE A 308 -12.55 10.29 0.07
C ILE A 308 -13.40 10.06 1.31
N ARG A 309 -13.26 8.89 1.91
CA ARG A 309 -14.09 8.50 3.05
C ARG A 309 -13.22 8.45 4.30
N GLN A 310 -13.43 9.41 5.19
CA GLN A 310 -12.76 9.42 6.47
C GLN A 310 -13.44 8.47 7.43
N PHE A 311 -12.66 7.85 8.31
CA PHE A 311 -13.20 6.99 9.34
C PHE A 311 -12.32 7.09 10.59
N ASN A 312 -12.70 6.35 11.63
CA ASN A 312 -11.95 6.30 12.89
C ASN A 312 -11.87 7.67 13.58
N CYS A 313 -13.01 8.36 13.68
CA CYS A 313 -13.01 9.67 14.34
C CYS A 313 -13.12 9.56 15.86
N THR B 29 -13.26 14.54 -16.50
CA THR B 29 -12.64 14.81 -15.20
C THR B 29 -13.61 14.49 -14.07
N PRO B 30 -13.23 13.56 -13.19
CA PRO B 30 -14.13 13.18 -12.09
C PRO B 30 -14.27 14.29 -11.06
N SER B 31 -15.36 14.19 -10.30
CA SER B 31 -15.57 15.11 -9.19
C SER B 31 -15.03 14.48 -7.91
N VAL B 32 -14.80 15.32 -6.91
CA VAL B 32 -14.28 14.89 -5.61
C VAL B 32 -15.37 15.12 -4.57
N VAL B 33 -15.66 14.08 -3.80
CA VAL B 33 -16.59 14.16 -2.68
C VAL B 33 -15.85 13.69 -1.43
N ILE B 34 -15.74 14.58 -0.45
CA ILE B 34 -15.15 14.25 0.85
C ILE B 34 -16.26 13.92 1.83
N THR B 35 -16.17 12.74 2.44
CA THR B 35 -17.08 12.34 3.52
C THR B 35 -16.26 12.30 4.80
N VAL B 36 -16.55 13.22 5.73
CA VAL B 36 -15.84 13.27 7.01
C VAL B 36 -16.70 12.60 8.08
N CYS B 37 -16.07 12.21 9.18
CA CYS B 37 -16.81 11.66 10.31
C CYS B 37 -16.74 12.57 11.52
P PO4 C . 7.43 5.07 6.70
O1 PO4 C . 6.23 4.37 7.28
O2 PO4 C . 7.60 4.65 5.26
O3 PO4 C . 8.65 4.67 7.51
O4 PO4 C . 7.23 6.58 6.81
P PO4 D . 4.31 6.29 9.03
O1 PO4 D . 3.23 6.98 9.84
O2 PO4 D . 3.74 5.70 7.76
O3 PO4 D . 5.42 7.26 8.70
O4 PO4 D . 4.82 5.16 9.90
ZN ZN E . 4.36 4.07 6.45
FE FE F . 6.19 4.34 3.72
#